data_5IQJ
#
_entry.id   5IQJ
#
_cell.length_a   45.126
_cell.length_b   149.512
_cell.length_c   159.966
_cell.angle_alpha   90.00
_cell.angle_beta   90.00
_cell.angle_gamma   90.00
#
_symmetry.space_group_name_H-M   'C 2 2 21'
#
loop_
_entity.id
_entity.type
_entity.pdbx_description
1 polymer 'Uncharacterized protein'
2 non-polymer 'CHLORIDE ION'
3 non-polymer 'SULFATE ION'
4 non-polymer TARTRONATE
5 non-polymer 1,2-ETHANEDIOL
6 non-polymer DI(HYDROXYETHYL)ETHER
7 non-polymer 'TRIETHYLENE GLYCOL'
8 non-polymer 'ACETATE ION'
9 non-polymer GLYCEROL
10 water water
#
_entity_poly.entity_id   1
_entity_poly.type   'polypeptide(L)'
_entity_poly.pdbx_seq_one_letter_code
;SNAMDERFNAALHESAHTVIAQVLGFNTATPIIYENSSTNPDEKHWLGKAFIDTTNGNVEDIALVGLAGEAIQYYIEGVD
VGDCPFIWECNLEDISLSDQELVKDLYNDVELWEKLYTLFEQHHDSILDLANSI
;
_entity_poly.pdbx_strand_id   A,B,C
#
# COMPACT_ATOMS: atom_id res chain seq x y z
N MET A 4 -9.85 -21.00 -12.51
N MET A 4 -12.13 -21.23 -11.41
CA MET A 4 -10.27 -19.61 -12.16
CA MET A 4 -12.16 -19.75 -11.55
C MET A 4 -10.43 -19.48 -10.65
C MET A 4 -11.63 -19.07 -10.29
N ASP A 5 -10.77 -20.59 -10.00
N ASP A 5 -11.69 -19.79 -9.17
CA ASP A 5 -10.92 -20.60 -8.54
CA ASP A 5 -11.27 -19.24 -7.88
C ASP A 5 -9.60 -20.21 -7.91
C ASP A 5 -9.76 -19.33 -7.60
N GLU A 6 -8.51 -20.82 -8.39
N GLU A 6 -9.08 -20.33 -8.15
CA GLU A 6 -7.20 -20.49 -7.89
CA GLU A 6 -7.63 -20.46 -7.93
C GLU A 6 -6.75 -19.15 -8.47
C GLU A 6 -6.99 -19.14 -8.40
N ARG A 7 -7.27 -18.78 -9.65
CA ARG A 7 -6.83 -17.49 -10.25
C ARG A 7 -7.36 -16.30 -9.42
N PHE A 8 -8.61 -16.40 -8.99
CA PHE A 8 -9.21 -15.31 -8.21
C PHE A 8 -8.49 -15.14 -6.86
N ASN A 9 -8.00 -16.24 -6.27
CA ASN A 9 -7.24 -16.17 -5.02
C ASN A 9 -5.87 -15.52 -5.25
N ALA A 10 -5.28 -15.76 -6.42
CA ALA A 10 -4.04 -15.08 -6.76
C ALA A 10 -4.36 -13.60 -6.89
N ALA A 11 -5.54 -13.29 -7.46
CA ALA A 11 -5.98 -11.90 -7.61
C ALA A 11 -6.23 -11.20 -6.30
N LEU A 12 -6.93 -11.88 -5.38
CA LEU A 12 -7.16 -11.29 -4.06
C LEU A 12 -5.88 -10.99 -3.31
N HIS A 13 -4.91 -11.91 -3.42
CA HIS A 13 -3.60 -11.78 -2.79
C HIS A 13 -2.87 -10.49 -3.19
N GLU A 14 -2.72 -10.28 -4.49
CA GLU A 14 -2.05 -9.06 -4.97
C GLU A 14 -2.90 -7.82 -4.69
N SER A 15 -4.22 -7.96 -4.75
N SER A 15 -4.22 -7.96 -4.75
CA SER A 15 -5.10 -6.82 -4.47
CA SER A 15 -5.10 -6.84 -4.47
C SER A 15 -5.04 -6.39 -2.99
C SER A 15 -5.01 -6.40 -3.00
N ALA A 16 -4.89 -7.37 -2.10
CA ALA A 16 -4.78 -7.06 -0.66
C ALA A 16 -3.45 -6.33 -0.43
N HIS A 17 -2.36 -6.82 -1.02
CA HIS A 17 -1.07 -6.12 -0.91
C HIS A 17 -1.19 -4.67 -1.34
N THR A 18 -1.82 -4.50 -2.49
CA THR A 18 -1.93 -3.20 -3.16
C THR A 18 -2.79 -2.20 -2.40
N VAL A 19 -3.98 -2.61 -1.99
CA VAL A 19 -4.87 -1.71 -1.27
C VAL A 19 -4.31 -1.31 0.12
N ILE A 20 -3.80 -2.28 0.88
CA ILE A 20 -3.16 -1.97 2.16
C ILE A 20 -2.00 -0.96 1.95
N ALA A 21 -1.19 -1.19 0.91
CA ALA A 21 -0.10 -0.28 0.62
C ALA A 21 -0.65 1.12 0.35
N GLN A 22 -1.74 1.21 -0.42
CA GLN A 22 -2.34 2.52 -0.72
C GLN A 22 -2.86 3.20 0.52
N VAL A 23 -3.55 2.45 1.38
CA VAL A 23 -4.08 3.01 2.60
C VAL A 23 -2.94 3.53 3.50
N LEU A 24 -1.78 2.88 3.45
CA LEU A 24 -0.66 3.32 4.23
C LEU A 24 0.18 4.41 3.51
N GLY A 25 -0.28 4.89 2.36
CA GLY A 25 0.39 5.99 1.67
C GLY A 25 1.50 5.61 0.71
N PHE A 26 1.70 4.32 0.45
CA PHE A 26 2.73 3.90 -0.49
C PHE A 26 2.25 4.02 -1.95
N ASN A 27 3.14 4.46 -2.82
CA ASN A 27 2.80 4.53 -4.24
C ASN A 27 2.69 3.11 -4.82
N THR A 28 1.71 2.90 -5.70
CA THR A 28 1.53 1.62 -6.37
C THR A 28 1.13 1.77 -7.85
N ALA A 29 1.31 0.68 -8.59
CA ALA A 29 0.83 0.54 -9.98
C ALA A 29 -0.02 -0.72 -9.91
N THR A 30 -1.02 -0.81 -10.79
CA THR A 30 -1.94 -1.95 -10.80
C THR A 30 -1.20 -3.31 -10.89
N PRO A 31 -1.51 -4.26 -9.98
CA PRO A 31 -0.84 -5.55 -10.01
C PRO A 31 -1.28 -6.39 -11.18
N ILE A 32 -0.52 -7.42 -11.51
CA ILE A 32 -0.86 -8.34 -12.61
C ILE A 32 -0.98 -9.79 -12.16
N ILE A 33 -1.82 -10.54 -12.85
CA ILE A 33 -2.02 -11.94 -12.58
C ILE A 33 -1.72 -12.68 -13.87
N TYR A 34 -0.95 -13.76 -13.80
CA TYR A 34 -0.55 -14.52 -14.99
C TYR A 34 -0.36 -16.00 -14.67
N GLU A 35 -0.45 -16.82 -15.71
CA GLU A 35 -0.40 -18.28 -15.56
C GLU A 35 1.03 -18.81 -15.50
N ASN A 36 1.26 -19.75 -14.60
CA ASN A 36 2.57 -20.40 -14.45
C ASN A 36 2.68 -21.53 -15.50
N SER A 37 3.78 -21.55 -16.25
CA SER A 37 4.02 -22.58 -17.28
C SER A 37 4.73 -23.83 -16.73
N SER A 38 5.23 -23.76 -15.50
CA SER A 38 5.94 -24.90 -14.88
C SER A 38 5.09 -26.15 -14.77
N THR A 39 5.72 -27.32 -14.94
CA THR A 39 5.05 -28.60 -14.80
C THR A 39 5.42 -29.25 -13.46
N ASN A 40 6.00 -28.45 -12.57
CA ASN A 40 6.45 -28.91 -11.28
C ASN A 40 5.24 -28.84 -10.34
N PRO A 41 4.80 -29.99 -9.78
CA PRO A 41 3.61 -29.95 -8.92
C PRO A 41 3.75 -29.13 -7.61
N ASP A 42 4.98 -28.78 -7.22
CA ASP A 42 5.19 -28.02 -5.97
C ASP A 42 4.97 -26.52 -6.12
N GLU A 43 4.76 -26.05 -7.35
CA GLU A 43 4.55 -24.61 -7.63
C GLU A 43 3.08 -24.27 -7.88
N LYS A 44 2.72 -23.01 -7.59
CA LYS A 44 1.34 -22.53 -7.82
C LYS A 44 1.13 -22.36 -9.32
N HIS A 45 -0.09 -22.64 -9.78
CA HIS A 45 -0.40 -22.55 -11.21
C HIS A 45 -0.66 -21.11 -11.64
N TRP A 46 -1.15 -20.29 -10.71
CA TRP A 46 -1.44 -18.89 -10.99
C TRP A 46 -0.53 -18.01 -10.16
N LEU A 47 0.18 -17.12 -10.84
CA LEU A 47 1.12 -16.21 -10.18
C LEU A 47 0.64 -14.77 -10.23
N GLY A 48 1.23 -13.93 -9.37
CA GLY A 48 0.89 -12.54 -9.34
C GLY A 48 2.15 -11.74 -9.10
N LYS A 49 2.06 -10.45 -9.41
CA LYS A 49 3.15 -9.50 -9.18
C LYS A 49 2.51 -8.15 -8.82
N ALA A 50 3.01 -7.54 -7.74
CA ALA A 50 2.57 -6.24 -7.24
C ALA A 50 3.70 -5.22 -7.46
N PHE A 51 3.35 -3.93 -7.52
CA PHE A 51 4.35 -2.89 -7.80
C PHE A 51 4.09 -1.83 -6.76
N ILE A 52 4.86 -1.94 -5.67
CA ILE A 52 4.65 -1.10 -4.49
C ILE A 52 5.98 -0.50 -4.03
N ASP A 53 5.99 0.82 -3.83
CA ASP A 53 7.18 1.50 -3.30
C ASP A 53 7.29 1.33 -1.80
N THR A 54 8.18 0.44 -1.34
CA THR A 54 8.41 0.27 0.10
C THR A 54 9.80 0.80 0.50
N THR A 55 10.43 1.59 -0.38
CA THR A 55 11.78 2.12 -0.10
C THR A 55 11.88 3.03 1.13
N ASN A 56 10.97 3.99 1.22
CA ASN A 56 10.98 4.98 2.31
C ASN A 56 10.36 4.50 3.64
N GLY A 57 9.16 3.93 3.54
CA GLY A 57 8.33 3.49 4.68
C GLY A 57 8.89 2.92 5.97
N ASN A 58 8.11 3.04 7.03
N ASN A 58 8.15 3.03 7.07
CA ASN A 58 8.51 2.51 8.31
CA ASN A 58 8.65 2.47 8.32
C ASN A 58 8.34 1.00 8.32
C ASN A 58 8.39 0.96 8.33
N VAL A 59 9.12 0.36 9.16
N VAL A 59 9.23 0.26 9.08
CA VAL A 59 9.18 -1.09 9.25
CA VAL A 59 9.21 -1.19 9.14
C VAL A 59 7.82 -1.74 9.48
C VAL A 59 7.82 -1.77 9.40
N GLU A 60 7.03 -1.21 10.40
N GLU A 60 7.11 -1.21 10.35
CA GLU A 60 5.73 -1.82 10.66
CA GLU A 60 5.77 -1.70 10.68
C GLU A 60 4.71 -1.65 9.50
C GLU A 60 4.77 -1.65 9.49
N ASP A 61 4.72 -0.50 8.83
CA ASP A 61 3.81 -0.33 7.66
C ASP A 61 4.21 -1.30 6.52
N ILE A 62 5.51 -1.47 6.31
CA ILE A 62 5.99 -2.38 5.28
C ILE A 62 5.57 -3.83 5.63
N ALA A 63 5.64 -4.15 6.91
CA ALA A 63 5.22 -5.46 7.38
C ALA A 63 3.76 -5.69 7.12
N LEU A 64 2.92 -4.66 7.32
CA LEU A 64 1.49 -4.77 7.04
C LEU A 64 1.28 -5.10 5.57
N VAL A 65 2.05 -4.45 4.69
CA VAL A 65 1.93 -4.75 3.25
C VAL A 65 2.34 -6.20 2.99
N GLY A 66 3.42 -6.63 3.62
CA GLY A 66 3.94 -7.99 3.47
C GLY A 66 2.95 -9.05 3.94
N LEU A 67 2.28 -8.79 5.05
CA LEU A 67 1.29 -9.73 5.60
C LEU A 67 0.03 -9.81 4.80
N ALA A 68 -0.32 -8.73 4.12
CA ALA A 68 -1.62 -8.57 3.52
C ALA A 68 -2.10 -9.66 2.55
N GLY A 69 -1.19 -10.16 1.71
CA GLY A 69 -1.53 -11.19 0.73
C GLY A 69 -2.10 -12.44 1.35
N GLU A 70 -1.35 -13.09 2.24
CA GLU A 70 -1.84 -14.30 2.93
C GLU A 70 -2.98 -13.96 3.87
N ALA A 71 -2.89 -12.79 4.49
CA ALA A 71 -3.87 -12.34 5.50
C ALA A 71 -5.30 -12.20 5.02
N ILE A 72 -5.49 -11.78 3.78
CA ILE A 72 -6.85 -11.62 3.28
C ILE A 72 -7.58 -12.96 3.32
N GLN A 73 -6.87 -14.06 3.08
CA GLN A 73 -7.50 -15.41 3.19
C GLN A 73 -7.80 -15.72 4.65
N TYR A 74 -6.87 -15.40 5.56
CA TYR A 74 -7.13 -15.65 6.98
C TYR A 74 -8.38 -14.90 7.43
N TYR A 75 -8.53 -13.70 6.90
CA TYR A 75 -9.67 -12.84 7.22
C TYR A 75 -10.95 -13.43 6.67
N ILE A 76 -10.94 -13.76 5.38
N ILE A 76 -10.91 -13.85 5.41
CA ILE A 76 -12.10 -14.38 4.73
CA ILE A 76 -12.06 -14.54 4.80
C ILE A 76 -12.52 -15.68 5.42
C ILE A 76 -12.44 -15.82 5.54
N GLU A 77 -11.53 -16.48 5.83
N GLU A 77 -11.45 -16.65 5.85
CA GLU A 77 -11.78 -17.78 6.48
CA GLU A 77 -11.71 -17.92 6.53
C GLU A 77 -12.16 -17.71 7.96
C GLU A 77 -12.09 -17.75 8.02
N GLY A 78 -12.03 -16.53 8.57
CA GLY A 78 -12.43 -16.33 9.98
C GLY A 78 -11.41 -16.69 11.05
N VAL A 79 -10.14 -16.62 10.70
CA VAL A 79 -9.07 -16.90 11.63
C VAL A 79 -8.99 -15.75 12.63
N ASP A 80 -8.93 -16.08 13.91
CA ASP A 80 -8.83 -15.08 14.97
C ASP A 80 -7.49 -14.38 14.86
N VAL A 81 -7.50 -13.07 15.09
CA VAL A 81 -6.29 -12.25 15.03
C VAL A 81 -5.19 -12.87 15.86
N GLY A 82 -5.53 -13.26 17.09
CA GLY A 82 -4.58 -13.88 17.98
C GLY A 82 -4.02 -15.21 17.50
N ASP A 83 -4.68 -15.83 16.55
CA ASP A 83 -4.19 -17.10 15.95
C ASP A 83 -3.41 -16.94 14.64
N CYS A 84 -3.45 -15.75 14.04
CA CYS A 84 -2.74 -15.52 12.80
C CYS A 84 -1.25 -15.74 12.86
N PRO A 85 -0.59 -15.40 13.99
CA PRO A 85 0.86 -15.65 14.05
C PRO A 85 1.20 -17.14 13.88
N PHE A 86 0.41 -17.98 14.52
CA PHE A 86 0.62 -19.44 14.45
C PHE A 86 0.31 -19.94 13.06
N ILE A 87 -0.80 -19.47 12.50
CA ILE A 87 -1.21 -19.87 11.16
C ILE A 87 -0.15 -19.46 10.11
N TRP A 88 0.37 -18.25 10.21
CA TRP A 88 1.44 -17.77 9.32
C TRP A 88 2.65 -18.67 9.44
N GLU A 89 3.09 -18.91 10.66
CA GLU A 89 4.29 -19.70 10.88
C GLU A 89 4.10 -21.09 10.27
N CYS A 90 2.92 -21.70 10.47
CA CYS A 90 2.65 -23.04 9.91
C CYS A 90 2.69 -23.07 8.39
N ASN A 91 2.32 -21.96 7.75
CA ASN A 91 2.27 -21.88 6.28
C ASN A 91 3.50 -21.26 5.63
N LEU A 92 4.56 -21.02 6.40
CA LEU A 92 5.77 -20.36 5.85
C LEU A 92 6.34 -20.99 4.59
N GLU A 93 6.36 -22.31 4.52
CA GLU A 93 6.88 -22.99 3.32
C GLU A 93 6.13 -22.58 2.05
N ASP A 94 4.86 -22.18 2.21
CA ASP A 94 4.02 -21.75 1.07
C ASP A 94 3.84 -20.22 0.97
N ILE A 95 4.56 -19.46 1.79
CA ILE A 95 4.52 -18.00 1.73
C ILE A 95 5.80 -17.61 1.00
N SER A 96 5.70 -16.63 0.09
CA SER A 96 6.85 -16.25 -0.74
C SER A 96 7.98 -15.61 0.06
N LEU A 97 9.20 -15.76 -0.44
CA LEU A 97 10.38 -15.20 0.22
C LEU A 97 10.31 -13.65 0.27
N SER A 98 9.73 -13.04 -0.75
CA SER A 98 9.63 -11.58 -0.78
C SER A 98 8.64 -11.08 0.29
N ASP A 99 7.53 -11.80 0.50
CA ASP A 99 6.61 -11.43 1.60
C ASP A 99 7.34 -11.60 2.93
N GLN A 100 8.10 -12.68 3.06
CA GLN A 100 8.85 -12.91 4.29
C GLN A 100 9.89 -11.79 4.52
N GLU A 101 10.46 -11.27 3.43
N GLU A 101 10.47 -11.27 3.44
CA GLU A 101 11.43 -10.18 3.53
CA GLU A 101 11.44 -10.17 3.54
C GLU A 101 10.77 -8.88 4.04
C GLU A 101 10.77 -8.88 4.05
N LEU A 102 9.52 -8.66 3.66
CA LEU A 102 8.79 -7.46 4.11
C LEU A 102 8.32 -7.60 5.56
N VAL A 103 8.01 -8.83 5.97
CA VAL A 103 7.45 -9.08 7.30
C VAL A 103 8.49 -9.37 8.36
N LYS A 104 9.47 -10.20 8.02
CA LYS A 104 10.46 -10.69 8.99
C LYS A 104 9.72 -11.37 10.16
N ASP A 105 10.04 -11.03 11.42
N ASP A 105 10.04 -10.99 11.41
CA ASP A 105 9.35 -11.67 12.54
CA ASP A 105 9.41 -11.63 12.56
C ASP A 105 8.17 -10.88 13.08
C ASP A 105 8.19 -10.88 13.08
N LEU A 106 7.74 -9.84 12.35
CA LEU A 106 6.60 -9.05 12.79
C LEU A 106 5.28 -9.77 12.63
N TYR A 107 5.28 -10.98 12.06
CA TYR A 107 4.04 -11.78 12.05
C TYR A 107 3.63 -12.17 13.49
N ASN A 108 4.57 -12.07 14.42
CA ASN A 108 4.29 -12.35 15.84
C ASN A 108 3.54 -11.20 16.54
N ASP A 109 3.38 -10.06 15.87
CA ASP A 109 2.80 -8.87 16.50
C ASP A 109 1.28 -8.87 16.36
N VAL A 110 0.60 -9.22 17.43
CA VAL A 110 -0.86 -9.32 17.41
C VAL A 110 -1.53 -7.98 17.14
N GLU A 111 -0.90 -6.88 17.54
CA GLU A 111 -1.45 -5.56 17.27
C GLU A 111 -1.42 -5.23 15.78
N LEU A 112 -0.41 -5.68 15.05
CA LEU A 112 -0.40 -5.47 13.62
C LEU A 112 -1.46 -6.28 12.94
N TRP A 113 -1.69 -7.51 13.41
CA TRP A 113 -2.77 -8.32 12.88
C TRP A 113 -4.12 -7.67 13.15
N GLU A 114 -4.27 -7.11 14.35
CA GLU A 114 -5.52 -6.43 14.71
C GLU A 114 -5.74 -5.25 13.76
N LYS A 115 -4.67 -4.52 13.50
CA LYS A 115 -4.73 -3.37 12.58
C LYS A 115 -5.06 -3.80 11.14
N LEU A 116 -4.43 -4.88 10.69
CA LEU A 116 -4.65 -5.38 9.36
C LEU A 116 -6.09 -5.78 9.18
N TYR A 117 -6.64 -6.48 10.17
CA TYR A 117 -8.06 -6.88 10.11
C TYR A 117 -8.98 -5.68 10.11
N THR A 118 -8.61 -4.64 10.86
CA THR A 118 -9.41 -3.42 10.85
C THR A 118 -9.40 -2.76 9.45
N LEU A 119 -8.23 -2.73 8.82
CA LEU A 119 -8.12 -2.18 7.46
C LEU A 119 -8.92 -3.04 6.48
N PHE A 120 -8.89 -4.35 6.65
CA PHE A 120 -9.71 -5.23 5.81
C PHE A 120 -11.18 -4.94 6.02
N GLU A 121 -11.58 -4.71 7.25
CA GLU A 121 -12.95 -4.40 7.57
C GLU A 121 -13.41 -3.14 6.83
N GLN A 122 -12.53 -2.14 6.80
CA GLN A 122 -12.85 -0.86 6.15
C GLN A 122 -12.62 -0.80 4.63
N HIS A 123 -11.82 -1.72 4.08
CA HIS A 123 -11.40 -1.65 2.68
C HIS A 123 -11.58 -2.89 1.86
N HIS A 124 -12.28 -3.90 2.38
CA HIS A 124 -12.42 -5.15 1.61
C HIS A 124 -13.15 -4.93 0.29
N ASP A 125 -13.99 -3.88 0.23
CA ASP A 125 -14.69 -3.55 -0.99
C ASP A 125 -13.70 -3.10 -2.07
N SER A 126 -12.71 -2.28 -1.68
CA SER A 126 -11.68 -1.83 -2.62
C SER A 126 -10.84 -2.99 -3.05
N ILE A 127 -10.58 -3.91 -2.13
CA ILE A 127 -9.82 -5.12 -2.44
C ILE A 127 -10.54 -5.97 -3.48
N LEU A 128 -11.84 -6.18 -3.26
CA LEU A 128 -12.64 -6.97 -4.21
C LEU A 128 -12.71 -6.27 -5.60
N ASP A 129 -12.97 -4.96 -5.61
CA ASP A 129 -13.01 -4.23 -6.88
C ASP A 129 -11.71 -4.40 -7.67
N LEU A 130 -10.57 -4.30 -7.01
CA LEU A 130 -9.29 -4.42 -7.71
C LEU A 130 -9.08 -5.87 -8.21
N ALA A 131 -9.40 -6.85 -7.35
CA ALA A 131 -9.25 -8.24 -7.69
C ALA A 131 -10.11 -8.59 -8.92
N ASN A 132 -11.31 -8.02 -9.00
CA ASN A 132 -12.22 -8.25 -10.13
C ASN A 132 -11.69 -7.65 -11.45
N SER A 133 -10.75 -6.72 -11.33
CA SER A 133 -10.23 -6.00 -12.51
C SER A 133 -8.88 -6.47 -13.04
N ILE A 134 -8.27 -7.46 -12.40
CA ILE A 134 -6.94 -7.92 -12.83
C ILE A 134 -6.93 -9.39 -13.21
N MET B 4 19.42 -0.39 -41.18
CA MET B 4 19.36 -1.82 -40.72
C MET B 4 19.21 -1.90 -39.20
N ASP B 5 20.31 -1.67 -38.47
CA ASP B 5 20.24 -1.65 -37.04
C ASP B 5 19.31 -0.50 -36.61
N GLU B 6 19.46 0.66 -37.25
CA GLU B 6 18.67 1.83 -36.95
C GLU B 6 17.18 1.56 -37.25
N ARG B 7 16.88 0.90 -38.37
CA ARG B 7 15.49 0.63 -38.76
C ARG B 7 14.85 -0.29 -37.73
N PHE B 8 15.57 -1.34 -37.36
CA PHE B 8 15.06 -2.30 -36.41
C PHE B 8 14.78 -1.69 -35.02
N ASN B 9 15.60 -0.71 -34.60
CA ASN B 9 15.35 -0.01 -33.34
C ASN B 9 14.05 0.76 -33.46
N ALA B 10 13.80 1.33 -34.64
CA ALA B 10 12.57 2.06 -34.86
C ALA B 10 11.40 1.09 -34.79
N ALA B 11 11.57 -0.11 -35.36
CA ALA B 11 10.53 -1.17 -35.33
C ALA B 11 10.22 -1.60 -33.91
N LEU B 12 11.27 -1.81 -33.10
CA LEU B 12 11.11 -2.22 -31.69
C LEU B 12 10.31 -1.19 -30.89
N HIS B 13 10.63 0.08 -31.13
CA HIS B 13 9.97 1.21 -30.45
C HIS B 13 8.45 1.16 -30.67
N GLU B 14 8.01 1.10 -31.94
CA GLU B 14 6.57 1.01 -32.25
C GLU B 14 5.96 -0.29 -31.80
N SER B 15 6.73 -1.38 -31.87
N SER B 15 6.72 -1.37 -31.88
CA SER B 15 6.24 -2.69 -31.43
CA SER B 15 6.24 -2.66 -31.45
C SER B 15 6.00 -2.77 -29.92
C SER B 15 5.93 -2.63 -29.95
N ALA B 16 6.87 -2.12 -29.15
CA ALA B 16 6.70 -2.02 -27.70
C ALA B 16 5.46 -1.18 -27.35
N HIS B 17 5.30 -0.02 -27.97
CA HIS B 17 4.08 0.76 -27.76
C HIS B 17 2.83 -0.09 -28.01
N THR B 18 2.80 -0.75 -29.17
CA THR B 18 1.64 -1.51 -29.59
C THR B 18 1.31 -2.73 -28.69
N VAL B 19 2.33 -3.52 -28.38
CA VAL B 19 2.11 -4.70 -27.55
C VAL B 19 1.70 -4.33 -26.13
N ILE B 20 2.37 -3.34 -25.52
CA ILE B 20 1.96 -2.90 -24.18
C ILE B 20 0.50 -2.38 -24.23
N ALA B 21 0.16 -1.66 -25.29
CA ALA B 21 -1.23 -1.20 -25.40
C ALA B 21 -2.19 -2.39 -25.46
N GLN B 22 -1.87 -3.40 -26.26
CA GLN B 22 -2.71 -4.58 -26.38
C GLN B 22 -2.87 -5.32 -25.04
N VAL B 23 -1.76 -5.46 -24.31
CA VAL B 23 -1.76 -6.13 -23.00
C VAL B 23 -2.68 -5.38 -22.06
N LEU B 24 -2.70 -4.05 -22.17
CA LEU B 24 -3.55 -3.24 -21.32
C LEU B 24 -4.98 -3.11 -21.85
N GLY B 25 -5.29 -3.75 -22.97
CA GLY B 25 -6.67 -3.74 -23.49
C GLY B 25 -7.05 -2.64 -24.47
N PHE B 26 -6.08 -1.86 -24.96
CA PHE B 26 -6.41 -0.80 -25.89
C PHE B 26 -6.41 -1.34 -27.31
N ASN B 27 -7.34 -0.82 -28.13
CA ASN B 27 -7.44 -1.20 -29.52
C ASN B 27 -6.24 -0.63 -30.27
N THR B 28 -5.72 -1.39 -31.22
CA THR B 28 -4.61 -0.98 -32.03
C THR B 28 -4.73 -1.45 -33.47
N ALA B 29 -3.95 -0.84 -34.34
CA ALA B 29 -3.78 -1.28 -35.70
C ALA B 29 -2.29 -1.43 -35.88
N THR B 30 -1.88 -2.30 -36.79
CA THR B 30 -0.43 -2.59 -36.97
C THR B 30 0.38 -1.34 -37.22
N PRO B 31 1.45 -1.12 -36.44
CA PRO B 31 2.24 0.09 -36.67
C PRO B 31 3.04 0.02 -37.97
N ILE B 32 3.52 1.18 -38.42
CA ILE B 32 4.31 1.27 -39.63
C ILE B 32 5.65 1.92 -39.35
N ILE B 33 6.63 1.53 -40.18
CA ILE B 33 7.98 2.06 -40.17
C ILE B 33 8.22 2.63 -41.56
N TYR B 34 8.82 3.82 -41.66
CA TYR B 34 9.10 4.44 -42.94
C TYR B 34 10.30 5.40 -42.85
N GLU B 35 10.89 5.68 -44.01
CA GLU B 35 12.04 6.58 -44.11
C GLU B 35 11.64 8.04 -43.99
N ASN B 36 12.46 8.77 -43.25
CA ASN B 36 12.26 10.20 -43.09
C ASN B 36 12.63 10.86 -44.42
N SER B 37 11.75 11.71 -44.95
CA SER B 37 12.07 12.42 -46.20
C SER B 37 12.98 13.64 -45.94
N SER B 38 13.15 14.03 -44.68
CA SER B 38 14.02 15.16 -44.33
C SER B 38 15.45 14.66 -44.39
N THR B 39 16.37 15.56 -44.74
CA THR B 39 17.78 15.21 -44.87
C THR B 39 18.63 15.80 -43.76
N ASN B 40 18.00 16.37 -42.74
CA ASN B 40 18.75 16.93 -41.67
C ASN B 40 19.20 15.78 -40.73
N PRO B 41 20.53 15.58 -40.52
CA PRO B 41 21.00 14.50 -39.64
C PRO B 41 20.61 14.68 -38.17
N ASP B 42 20.02 15.84 -37.86
CA ASP B 42 19.48 16.16 -36.56
C ASP B 42 18.24 15.26 -36.27
N GLU B 43 17.46 14.92 -37.30
CA GLU B 43 16.31 14.05 -37.17
C GLU B 43 16.70 12.60 -37.43
N LYS B 44 15.88 11.66 -36.96
CA LYS B 44 16.13 10.25 -37.23
C LYS B 44 15.85 9.94 -38.69
N HIS B 45 16.58 8.98 -39.25
CA HIS B 45 16.35 8.59 -40.61
C HIS B 45 15.15 7.64 -40.72
N TRP B 46 14.97 6.80 -39.70
CA TRP B 46 13.84 5.86 -39.69
C TRP B 46 12.78 6.33 -38.71
N LEU B 47 11.56 6.52 -39.22
CA LEU B 47 10.44 6.98 -38.41
C LEU B 47 9.44 5.85 -38.28
N GLY B 48 8.54 6.02 -37.31
CA GLY B 48 7.51 5.03 -37.07
C GLY B 48 6.24 5.70 -36.62
N LYS B 49 5.13 4.99 -36.76
CA LYS B 49 3.86 5.52 -36.30
C LYS B 49 3.05 4.35 -35.75
N ALA B 50 2.45 4.56 -34.57
CA ALA B 50 1.58 3.56 -33.93
C ALA B 50 0.16 4.09 -34.00
N PHE B 51 -0.81 3.18 -33.90
CA PHE B 51 -2.23 3.52 -34.04
C PHE B 51 -2.92 2.86 -32.85
N ILE B 52 -3.11 3.64 -31.79
CA ILE B 52 -3.56 3.13 -30.50
C ILE B 52 -4.65 4.03 -29.93
N ASP B 53 -5.74 3.40 -29.48
CA ASP B 53 -6.83 4.13 -28.82
C ASP B 53 -6.52 4.44 -27.36
N THR B 54 -6.04 5.64 -27.07
CA THR B 54 -5.80 6.06 -25.67
C THR B 54 -6.92 7.02 -25.18
N THR B 55 -8.09 6.98 -25.82
CA THR B 55 -9.19 7.90 -25.46
C THR B 55 -9.86 7.58 -24.14
N ASN B 56 -10.05 6.29 -23.83
CA ASN B 56 -10.77 5.88 -22.62
C ASN B 56 -9.91 5.23 -21.51
N GLY B 57 -8.59 5.22 -21.67
CA GLY B 57 -7.74 4.57 -20.68
C GLY B 57 -7.53 5.37 -19.41
N ASN B 58 -7.09 4.69 -18.35
CA ASN B 58 -6.77 5.42 -17.15
C ASN B 58 -5.38 6.01 -17.36
N VAL B 59 -5.10 7.05 -16.60
CA VAL B 59 -3.87 7.81 -16.76
C VAL B 59 -2.62 6.93 -16.66
N GLU B 60 -2.63 6.03 -15.69
CA GLU B 60 -1.50 5.14 -15.50
C GLU B 60 -1.25 4.18 -16.70
N ASP B 61 -2.31 3.56 -17.21
CA ASP B 61 -2.15 2.63 -18.35
C ASP B 61 -1.65 3.39 -19.62
N ILE B 62 -2.19 4.59 -19.84
CA ILE B 62 -1.78 5.42 -20.96
C ILE B 62 -0.31 5.80 -20.83
N ALA B 63 0.14 6.09 -19.61
CA ALA B 63 1.54 6.42 -19.36
C ALA B 63 2.45 5.24 -19.68
N LEU B 64 2.01 4.03 -19.32
CA LEU B 64 2.75 2.82 -19.69
C LEU B 64 2.93 2.70 -21.19
N VAL B 65 1.84 2.93 -21.92
CA VAL B 65 1.92 2.92 -23.38
C VAL B 65 2.93 3.99 -23.88
N GLY B 66 2.84 5.20 -23.32
CA GLY B 66 3.68 6.31 -23.68
C GLY B 66 5.15 6.06 -23.40
N LEU B 67 5.44 5.41 -22.28
CA LEU B 67 6.81 5.11 -21.89
C LEU B 67 7.46 4.01 -22.71
N ALA B 68 6.61 3.11 -23.22
CA ALA B 68 7.09 1.84 -23.83
C ALA B 68 8.09 1.93 -24.97
N GLY B 69 7.93 2.93 -25.84
CA GLY B 69 8.82 3.06 -27.01
C GLY B 69 10.27 3.28 -26.65
N GLU B 70 10.53 4.29 -25.84
CA GLU B 70 11.89 4.57 -25.37
C GLU B 70 12.33 3.46 -24.40
N ALA B 71 11.40 3.00 -23.56
CA ALA B 71 11.72 2.02 -22.52
C ALA B 71 12.27 0.73 -23.06
N ILE B 72 11.77 0.27 -24.21
CA ILE B 72 12.24 -1.00 -24.75
C ILE B 72 13.76 -0.93 -25.03
N GLN B 73 14.24 0.24 -25.46
N GLN B 73 14.27 0.22 -25.49
CA GLN B 73 15.67 0.43 -25.73
CA GLN B 73 15.74 0.32 -25.74
C GLN B 73 16.47 0.41 -24.43
C GLN B 73 16.49 0.37 -24.41
N TYR B 74 15.91 1.03 -23.39
CA TYR B 74 16.55 1.06 -22.07
C TYR B 74 16.66 -0.36 -21.50
N TYR B 75 15.58 -1.12 -21.65
CA TYR B 75 15.52 -2.50 -21.18
C TYR B 75 16.52 -3.37 -21.91
N ILE B 76 16.52 -3.34 -23.24
CA ILE B 76 17.47 -4.14 -24.05
C ILE B 76 18.93 -3.76 -23.77
N GLU B 77 19.20 -2.47 -23.60
CA GLU B 77 20.59 -2.03 -23.33
C GLU B 77 21.04 -2.29 -21.87
N GLY B 78 20.17 -2.90 -21.08
CA GLY B 78 20.50 -3.26 -19.71
C GLY B 78 20.48 -2.12 -18.72
N VAL B 79 19.77 -1.05 -19.03
CA VAL B 79 19.64 0.06 -18.11
C VAL B 79 18.86 -0.41 -16.89
N ASP B 80 19.39 -0.13 -15.70
CA ASP B 80 18.71 -0.49 -14.44
C ASP B 80 17.38 0.24 -14.37
N VAL B 81 16.37 -0.47 -13.88
CA VAL B 81 15.05 0.11 -13.80
C VAL B 81 15.03 1.41 -12.94
N GLY B 82 15.84 1.47 -11.89
CA GLY B 82 15.94 2.65 -11.00
C GLY B 82 16.51 3.89 -11.67
N ASP B 83 17.24 3.70 -12.76
CA ASP B 83 17.83 4.82 -13.52
C ASP B 83 16.96 5.36 -14.63
N CYS B 84 15.89 4.64 -14.98
CA CYS B 84 15.05 5.05 -16.09
C CYS B 84 14.41 6.42 -15.94
N PRO B 85 13.91 6.76 -14.73
CA PRO B 85 13.35 8.12 -14.63
C PRO B 85 14.35 9.21 -15.00
N PHE B 86 15.59 9.05 -14.54
CA PHE B 86 16.62 10.07 -14.81
C PHE B 86 16.99 10.10 -16.29
N ILE B 87 17.10 8.93 -16.90
CA ILE B 87 17.44 8.80 -18.31
C ILE B 87 16.37 9.43 -19.19
N TRP B 88 15.12 9.17 -18.86
CA TRP B 88 14.00 9.74 -19.58
C TRP B 88 14.12 11.27 -19.54
N GLU B 89 14.26 11.80 -18.32
CA GLU B 89 14.37 13.25 -18.14
C GLU B 89 15.55 13.82 -18.91
N CYS B 90 16.69 13.12 -18.89
CA CYS B 90 17.88 13.57 -19.64
C CYS B 90 17.65 13.62 -21.15
N ASN B 91 16.81 12.72 -21.65
CA ASN B 91 16.54 12.60 -23.09
C ASN B 91 15.30 13.33 -23.60
N LEU B 92 14.65 14.11 -22.74
CA LEU B 92 13.37 14.75 -23.12
C LEU B 92 13.38 15.50 -24.43
N GLU B 93 14.45 16.21 -24.73
CA GLU B 93 14.52 16.94 -25.98
C GLU B 93 14.33 16.00 -27.19
N ASP B 94 14.77 14.75 -27.08
CA ASP B 94 14.66 13.78 -28.18
C ASP B 94 13.46 12.82 -28.10
N ILE B 95 12.64 12.94 -27.07
CA ILE B 95 11.46 12.09 -26.92
C ILE B 95 10.30 12.85 -27.55
N SER B 96 9.49 12.15 -28.35
CA SER B 96 8.40 12.80 -29.07
C SER B 96 7.41 13.48 -28.17
N LEU B 97 6.87 14.60 -28.64
CA LEU B 97 5.86 15.33 -27.88
C LEU B 97 4.63 14.48 -27.59
N SER B 98 4.23 13.62 -28.53
CA SER B 98 3.05 12.77 -28.30
C SER B 98 3.30 11.78 -27.15
N ASP B 99 4.52 11.20 -27.12
CA ASP B 99 4.89 10.30 -26.00
C ASP B 99 4.86 11.09 -24.69
N GLN B 100 5.39 12.31 -24.70
CA GLN B 100 5.40 13.16 -23.49
C GLN B 100 4.00 13.52 -23.05
N GLU B 101 3.09 13.64 -24.01
CA GLU B 101 1.68 13.93 -23.72
C GLU B 101 1.03 12.75 -23.03
N LEU B 102 1.42 11.54 -23.41
CA LEU B 102 0.86 10.32 -22.80
C LEU B 102 1.46 10.06 -21.42
N VAL B 103 2.73 10.42 -21.24
CA VAL B 103 3.43 10.15 -19.99
C VAL B 103 3.32 11.26 -18.94
N LYS B 104 3.47 12.51 -19.38
CA LYS B 104 3.48 13.68 -18.50
C LYS B 104 4.56 13.44 -17.45
N ASP B 105 4.29 13.64 -16.16
CA ASP B 105 5.38 13.48 -15.18
C ASP B 105 5.43 12.08 -14.54
N LEU B 106 4.71 11.10 -15.12
CA LEU B 106 4.69 9.74 -14.56
C LEU B 106 5.95 8.95 -14.86
N TYR B 107 6.84 9.52 -15.65
CA TYR B 107 8.14 8.89 -15.86
C TYR B 107 8.96 8.87 -14.55
N ASN B 108 8.55 9.67 -13.56
CA ASN B 108 9.19 9.66 -12.24
C ASN B 108 8.68 8.51 -11.34
N ASP B 109 7.66 7.77 -11.76
N ASP B 109 7.61 7.81 -11.75
CA ASP B 109 7.06 6.72 -10.94
CA ASP B 109 7.05 6.69 -10.97
C ASP B 109 7.80 5.38 -11.08
C ASP B 109 7.85 5.40 -11.12
N VAL B 110 8.65 5.08 -10.11
CA VAL B 110 9.48 3.85 -10.12
C VAL B 110 8.66 2.55 -10.28
N GLU B 111 7.47 2.52 -9.67
CA GLU B 111 6.59 1.33 -9.77
C GLU B 111 6.09 1.09 -11.18
N LEU B 112 5.82 2.15 -11.94
CA LEU B 112 5.42 1.97 -13.33
C LEU B 112 6.54 1.40 -14.14
N TRP B 113 7.78 1.89 -13.90
CA TRP B 113 8.92 1.35 -14.61
C TRP B 113 9.11 -0.14 -14.29
N GLU B 114 8.94 -0.50 -13.02
CA GLU B 114 9.04 -1.89 -12.58
C GLU B 114 8.01 -2.73 -13.35
N LYS B 115 6.78 -2.22 -13.42
CA LYS B 115 5.72 -2.92 -14.15
C LYS B 115 6.04 -3.06 -15.62
N LEU B 116 6.53 -1.97 -16.24
CA LEU B 116 6.85 -2.01 -17.67
C LEU B 116 7.92 -3.04 -17.97
N TYR B 117 8.99 -3.07 -17.16
CA TYR B 117 10.06 -4.07 -17.34
C TYR B 117 9.51 -5.49 -17.18
N THR B 118 8.59 -5.68 -16.23
CA THR B 118 7.95 -6.96 -16.02
C THR B 118 7.15 -7.37 -17.27
N LEU B 119 6.42 -6.40 -17.84
CA LEU B 119 5.61 -6.67 -19.03
C LEU B 119 6.54 -7.00 -20.20
N PHE B 120 7.67 -6.30 -20.28
CA PHE B 120 8.64 -6.59 -21.34
C PHE B 120 9.16 -8.02 -21.24
N GLU B 121 9.47 -8.45 -20.02
N GLU B 121 9.54 -8.46 -20.04
CA GLU B 121 9.98 -9.83 -19.79
CA GLU B 121 10.02 -9.85 -19.95
C GLU B 121 8.94 -10.90 -20.10
C GLU B 121 8.90 -10.86 -20.29
N GLN B 122 7.67 -10.58 -19.87
CA GLN B 122 6.58 -11.52 -20.16
C GLN B 122 6.14 -11.51 -21.63
N HIS B 123 6.27 -10.37 -22.31
CA HIS B 123 5.79 -10.26 -23.69
C HIS B 123 6.87 -9.98 -24.73
N HIS B 124 8.12 -10.33 -24.41
CA HIS B 124 9.21 -9.99 -25.34
C HIS B 124 9.02 -10.74 -26.68
N ASP B 125 8.52 -11.96 -26.62
N ASP B 125 8.51 -11.98 -26.67
CA ASP B 125 8.19 -12.77 -27.77
CA ASP B 125 8.25 -12.72 -27.94
C ASP B 125 7.27 -12.02 -28.76
C ASP B 125 7.29 -11.92 -28.81
N SER B 126 6.20 -11.45 -28.21
CA SER B 126 5.21 -10.68 -28.98
C SER B 126 5.84 -9.43 -29.54
N ILE B 127 6.70 -8.79 -28.76
CA ILE B 127 7.36 -7.56 -29.21
C ILE B 127 8.30 -7.84 -30.37
N LEU B 128 9.00 -8.97 -30.28
N LEU B 128 9.17 -8.82 -30.23
CA LEU B 128 9.92 -9.41 -31.32
CA LEU B 128 10.17 -9.11 -31.29
C LEU B 128 9.20 -9.86 -32.60
C LEU B 128 9.49 -9.52 -32.58
N ASP B 129 8.13 -10.67 -32.49
N ASP B 129 8.47 -10.38 -32.42
CA ASP B 129 7.41 -11.10 -33.69
CA ASP B 129 7.66 -10.90 -33.54
C ASP B 129 6.80 -9.88 -34.42
C ASP B 129 7.08 -9.75 -34.35
N LEU B 130 6.35 -8.87 -33.67
CA LEU B 130 5.77 -7.69 -34.30
C LEU B 130 6.84 -6.83 -34.99
N ALA B 131 7.95 -6.59 -34.30
CA ALA B 131 9.04 -5.77 -34.84
C ALA B 131 9.59 -6.37 -36.12
N ASN B 132 9.66 -7.71 -36.15
CA ASN B 132 10.17 -8.42 -37.33
C ASN B 132 9.20 -8.39 -38.52
N SER B 133 7.95 -8.01 -38.29
CA SER B 133 6.94 -8.01 -39.32
C SER B 133 6.60 -6.62 -39.87
N ILE B 134 7.24 -5.56 -39.35
CA ILE B 134 6.96 -4.20 -39.81
C ILE B 134 8.20 -3.48 -40.42
N ASP C 5 -10.37 20.76 13.72
CA ASP C 5 -10.59 20.66 15.19
C ASP C 5 -11.14 19.30 15.58
N GLU C 6 -12.26 18.94 14.98
CA GLU C 6 -12.94 17.68 15.29
C GLU C 6 -12.07 16.47 14.95
N ARG C 7 -11.44 16.50 13.77
CA ARG C 7 -10.58 15.38 13.36
C ARG C 7 -9.37 15.32 14.28
N PHE C 8 -8.78 16.48 14.55
CA PHE C 8 -7.61 16.52 15.41
C PHE C 8 -7.93 16.04 16.82
N ASN C 9 -9.13 16.36 17.32
CA ASN C 9 -9.51 15.89 18.65
C ASN C 9 -9.53 14.37 18.68
N ALA C 10 -10.04 13.77 17.60
CA ALA C 10 -10.06 12.31 17.50
C ALA C 10 -8.62 11.81 17.40
N ALA C 11 -7.77 12.51 16.67
CA ALA C 11 -6.38 12.12 16.57
C ALA C 11 -5.70 12.15 17.95
N LEU C 12 -5.91 13.23 18.68
CA LEU C 12 -5.36 13.36 20.05
C LEU C 12 -5.80 12.23 20.97
N HIS C 13 -7.07 11.87 20.90
CA HIS C 13 -7.65 10.79 21.71
C HIS C 13 -6.89 9.45 21.52
N GLU C 14 -6.76 9.00 20.27
CA GLU C 14 -6.07 7.74 20.00
C GLU C 14 -4.59 7.86 20.27
N SER C 15 -4.03 9.04 20.05
CA SER C 15 -2.60 9.25 20.30
C SER C 15 -2.23 9.16 21.78
N ALA C 16 -3.11 9.69 22.63
CA ALA C 16 -2.91 9.65 24.07
C ALA C 16 -2.99 8.20 24.53
N HIS C 17 -3.98 7.44 24.04
CA HIS C 17 -4.08 6.01 24.40
C HIS C 17 -2.79 5.31 24.06
N THR C 18 -2.30 5.58 22.85
CA THR C 18 -1.14 4.92 22.31
C THR C 18 0.14 5.25 23.06
N VAL C 19 0.41 6.53 23.23
CA VAL C 19 1.62 6.95 23.92
C VAL C 19 1.61 6.51 25.41
N ILE C 20 0.46 6.60 26.08
CA ILE C 20 0.40 6.19 27.49
C ILE C 20 0.68 4.68 27.55
N ALA C 21 0.11 3.94 26.59
CA ALA C 21 0.36 2.49 26.52
C ALA C 21 1.87 2.20 26.35
N GLN C 22 2.52 2.89 25.42
CA GLN C 22 3.97 2.74 25.19
C GLN C 22 4.81 3.04 26.43
N VAL C 23 4.52 4.17 27.08
CA VAL C 23 5.23 4.55 28.28
C VAL C 23 5.12 3.46 29.36
N LEU C 24 3.95 2.80 29.41
CA LEU C 24 3.69 1.73 30.36
C LEU C 24 4.19 0.35 29.89
N GLY C 25 4.87 0.33 28.76
CA GLY C 25 5.47 -0.90 28.25
C GLY C 25 4.59 -1.81 27.43
N PHE C 26 3.39 -1.35 27.01
CA PHE C 26 2.51 -2.21 26.19
C PHE C 26 2.85 -2.09 24.73
N ASN C 27 2.81 -3.21 24.00
CA ASN C 27 3.02 -3.16 22.56
C ASN C 27 1.85 -2.44 21.87
N THR C 28 2.16 -1.66 20.84
CA THR C 28 1.15 -0.94 20.07
C THR C 28 1.50 -0.92 18.59
N ALA C 29 0.49 -0.64 17.76
CA ALA C 29 0.71 -0.33 16.36
C ALA C 29 0.09 1.05 16.18
N THR C 30 0.55 1.79 15.19
CA THR C 30 0.07 3.16 14.92
C THR C 30 -1.45 3.22 14.79
N PRO C 31 -2.09 4.08 15.59
CA PRO C 31 -3.54 4.17 15.50
C PRO C 31 -4.00 4.81 14.18
N ILE C 32 -5.29 4.65 13.88
CA ILE C 32 -5.87 5.20 12.66
C ILE C 32 -7.06 6.11 12.98
N ILE C 33 -7.27 7.09 12.11
CA ILE C 33 -8.40 8.01 12.20
C ILE C 33 -9.15 7.87 10.89
N TYR C 34 -10.46 7.77 10.96
CA TYR C 34 -11.24 7.54 9.76
C TYR C 34 -12.61 8.18 9.85
N GLU C 35 -13.24 8.29 8.70
CA GLU C 35 -14.54 8.91 8.63
C GLU C 35 -15.69 7.97 8.92
N ASN C 36 -16.61 8.46 9.74
CA ASN C 36 -17.82 7.76 10.09
C ASN C 36 -18.63 7.60 8.79
N SER C 37 -19.20 6.41 8.59
CA SER C 37 -19.99 6.09 7.40
C SER C 37 -21.48 6.50 7.50
N SER C 38 -21.89 7.02 8.65
CA SER C 38 -23.27 7.44 8.86
C SER C 38 -23.67 8.56 7.91
N LYS C 44 -20.58 12.75 15.60
CA LYS C 44 -19.14 12.54 15.37
C LYS C 44 -18.82 11.95 13.99
N HIS C 45 -18.25 12.79 13.13
CA HIS C 45 -17.86 12.37 11.79
C HIS C 45 -16.51 11.66 11.78
N TRP C 46 -15.65 11.97 12.76
CA TRP C 46 -14.33 11.36 12.84
C TRP C 46 -14.22 10.31 13.93
N LEU C 47 -13.79 9.12 13.53
CA LEU C 47 -13.63 8.01 14.45
C LEU C 47 -12.18 7.59 14.49
N GLY C 48 -11.83 6.85 15.52
CA GLY C 48 -10.46 6.41 15.70
C GLY C 48 -10.43 4.99 16.22
N LYS C 49 -9.29 4.35 16.07
CA LYS C 49 -9.06 3.00 16.52
C LYS C 49 -7.60 2.91 16.94
N ALA C 50 -7.36 2.37 18.14
CA ALA C 50 -6.01 2.13 18.65
C ALA C 50 -5.75 0.60 18.67
N PHE C 51 -4.47 0.21 18.68
CA PHE C 51 -4.08 -1.21 18.62
C PHE C 51 -3.03 -1.40 19.70
N ILE C 52 -3.48 -1.88 20.84
CA ILE C 52 -2.67 -1.94 22.05
C ILE C 52 -2.83 -3.31 22.70
N ASP C 53 -1.71 -3.93 23.08
CA ASP C 53 -1.73 -5.20 23.81
C ASP C 53 -2.04 -4.99 25.30
N THR C 54 -3.27 -5.19 25.73
CA THR C 54 -3.59 -5.10 27.16
C THR C 54 -3.85 -6.47 27.78
N THR C 55 -3.25 -7.53 27.22
CA THR C 55 -3.49 -8.91 27.72
C THR C 55 -2.87 -9.27 29.05
N ASN C 56 -1.59 -8.98 29.23
CA ASN C 56 -0.88 -9.35 30.46
C ASN C 56 -0.54 -8.12 31.35
N GLY C 57 -1.28 -7.03 31.18
CA GLY C 57 -1.03 -5.83 31.96
C GLY C 57 -1.76 -5.84 33.28
N ASN C 58 -1.22 -5.11 34.26
CA ASN C 58 -1.90 -5.03 35.53
C ASN C 58 -3.10 -4.09 35.37
N VAL C 59 -4.02 -4.25 36.29
CA VAL C 59 -5.30 -3.56 36.25
C VAL C 59 -5.16 -2.03 36.21
N GLU C 60 -4.19 -1.53 36.96
N GLU C 60 -4.21 -1.48 36.97
CA GLU C 60 -3.94 -0.11 37.09
CA GLU C 60 -4.07 0.00 37.02
C GLU C 60 -3.43 0.51 35.78
C GLU C 60 -3.39 0.59 35.78
N ASP C 61 -2.41 -0.12 35.21
CA ASP C 61 -1.77 0.35 33.98
C ASP C 61 -2.79 0.34 32.82
N ILE C 62 -3.63 -0.68 32.79
CA ILE C 62 -4.68 -0.80 31.80
C ILE C 62 -5.68 0.36 31.97
N ALA C 63 -6.02 0.70 33.22
CA ALA C 63 -6.91 1.83 33.50
C ALA C 63 -6.34 3.15 33.02
N LEU C 64 -5.04 3.34 33.20
CA LEU C 64 -4.39 4.56 32.70
C LEU C 64 -4.54 4.66 31.19
N VAL C 65 -4.31 3.56 30.49
CA VAL C 65 -4.48 3.55 29.03
C VAL C 65 -5.95 3.91 28.69
N GLY C 66 -6.88 3.31 29.43
CA GLY C 66 -8.30 3.52 29.21
C GLY C 66 -8.75 4.96 29.44
N LEU C 67 -8.20 5.60 30.47
CA LEU C 67 -8.52 7.00 30.79
C LEU C 67 -7.92 8.01 29.81
N ALA C 68 -6.76 7.66 29.24
CA ALA C 68 -5.98 8.59 28.43
C ALA C 68 -6.69 9.33 27.30
N GLY C 69 -7.60 8.66 26.60
CA GLY C 69 -8.29 9.25 25.47
C GLY C 69 -9.13 10.45 25.84
N GLU C 70 -10.07 10.29 26.76
CA GLU C 70 -10.87 11.43 27.23
C GLU C 70 -9.99 12.40 28.00
N ALA C 71 -9.05 11.83 28.78
CA ALA C 71 -8.22 12.67 29.65
C ALA C 71 -7.31 13.66 28.95
N ILE C 72 -6.81 13.34 27.76
CA ILE C 72 -5.91 14.29 27.09
C ILE C 72 -6.68 15.60 26.79
N GLN C 73 -7.98 15.50 26.49
N GLN C 73 -7.98 15.50 26.48
CA GLN C 73 -8.77 16.68 26.19
CA GLN C 73 -8.81 16.69 26.22
C GLN C 73 -9.04 17.48 27.47
C GLN C 73 -8.96 17.49 27.50
N TYR C 74 -9.25 16.79 28.60
CA TYR C 74 -9.42 17.45 29.91
C TYR C 74 -8.15 18.23 30.20
N TYR C 75 -7.01 17.54 30.00
CA TYR C 75 -5.69 18.14 30.24
C TYR C 75 -5.45 19.38 29.36
N ILE C 76 -5.66 19.25 28.06
CA ILE C 76 -5.44 20.39 27.14
C ILE C 76 -6.43 21.56 27.37
N GLU C 77 -7.67 21.24 27.74
CA GLU C 77 -8.70 22.27 27.97
C GLU C 77 -8.63 22.92 29.34
N GLY C 78 -7.62 22.54 30.12
CA GLY C 78 -7.35 23.14 31.42
C GLY C 78 -8.16 22.65 32.60
N VAL C 79 -8.75 21.47 32.48
CA VAL C 79 -9.53 20.92 33.56
C VAL C 79 -8.56 20.58 34.69
N ASP C 80 -8.89 20.97 35.91
N ASP C 80 -8.88 21.01 35.91
CA ASP C 80 -8.03 20.68 37.04
CA ASP C 80 -8.05 20.71 37.09
C ASP C 80 -8.05 19.18 37.27
C ASP C 80 -8.04 19.20 37.32
N VAL C 81 -6.87 18.63 37.59
CA VAL C 81 -6.73 17.19 37.82
C VAL C 81 -7.70 16.66 38.87
N GLY C 82 -7.98 17.47 39.91
CA GLY C 82 -8.89 17.08 40.95
C GLY C 82 -10.35 17.00 40.52
N ASP C 83 -10.69 17.66 39.43
CA ASP C 83 -12.05 17.62 38.93
C ASP C 83 -12.30 16.49 37.93
N CYS C 84 -11.24 15.78 37.53
CA CYS C 84 -11.35 14.73 36.52
C CYS C 84 -12.28 13.53 36.85
N PRO C 85 -12.24 13.01 38.09
CA PRO C 85 -13.18 11.93 38.43
C PRO C 85 -14.65 12.34 38.21
N PHE C 86 -14.98 13.57 38.61
CA PHE C 86 -16.33 14.09 38.45
C PHE C 86 -16.73 14.23 36.98
N ILE C 87 -15.81 14.78 36.18
N ILE C 87 -15.83 14.78 36.17
CA ILE C 87 -16.04 14.98 34.76
CA ILE C 87 -16.13 14.97 34.76
C ILE C 87 -16.25 13.65 34.03
C ILE C 87 -16.26 13.65 34.01
N TRP C 88 -15.39 12.69 34.32
CA TRP C 88 -15.48 11.37 33.72
C TRP C 88 -16.85 10.76 34.06
N GLU C 89 -17.21 10.80 35.35
CA GLU C 89 -18.50 10.23 35.76
C GLU C 89 -19.68 10.94 35.08
N CYS C 90 -19.64 12.27 35.00
N CYS C 90 -19.62 12.26 35.00
CA CYS C 90 -20.74 13.01 34.38
CA CYS C 90 -20.69 13.06 34.37
C CYS C 90 -20.92 12.66 32.89
C CYS C 90 -20.90 12.68 32.90
N ASN C 91 -19.80 12.38 32.21
CA ASN C 91 -19.81 12.08 30.76
C ASN C 91 -19.87 10.60 30.32
N LEU C 92 -20.07 9.67 31.25
CA LEU C 92 -20.10 8.21 30.91
C LEU C 92 -20.96 7.83 29.72
N GLU C 93 -22.13 8.44 29.57
N GLU C 93 -22.13 8.44 29.56
CA GLU C 93 -23.01 8.14 28.43
CA GLU C 93 -23.01 8.12 28.41
C GLU C 93 -22.28 8.31 27.10
C GLU C 93 -22.30 8.33 27.07
N ASP C 94 -21.32 9.24 27.06
CA ASP C 94 -20.54 9.53 25.83
C ASP C 94 -19.12 8.95 25.82
N ILE C 95 -18.78 8.17 26.84
CA ILE C 95 -17.47 7.53 26.90
C ILE C 95 -17.70 6.12 26.36
N SER C 96 -16.82 5.68 25.46
CA SER C 96 -17.01 4.38 24.78
C SER C 96 -17.04 3.24 25.78
N LEU C 97 -17.80 2.21 25.43
CA LEU C 97 -17.90 1.02 26.27
C LEU C 97 -16.52 0.35 26.38
N SER C 98 -15.71 0.47 25.32
CA SER C 98 -14.35 -0.09 25.32
C SER C 98 -13.48 0.60 26.38
N ASP C 99 -13.52 1.93 26.42
CA ASP C 99 -12.78 2.69 27.44
C ASP C 99 -13.28 2.33 28.86
N GLN C 100 -14.60 2.26 29.03
CA GLN C 100 -15.18 1.93 30.35
C GLN C 100 -14.77 0.53 30.80
N GLU C 101 -14.58 -0.37 29.83
CA GLU C 101 -14.15 -1.71 30.15
C GLU C 101 -12.71 -1.73 30.66
N LEU C 102 -11.85 -0.86 30.12
CA LEU C 102 -10.45 -0.79 30.57
C LEU C 102 -10.34 -0.07 31.94
N VAL C 103 -11.21 0.90 32.18
CA VAL C 103 -11.12 1.74 33.38
C VAL C 103 -11.91 1.18 34.56
N LYS C 104 -13.12 0.73 34.29
CA LYS C 104 -14.05 0.25 35.32
C LYS C 104 -14.23 1.35 36.35
N ASP C 105 -14.09 1.06 37.65
CA ASP C 105 -14.31 2.09 38.64
C ASP C 105 -13.07 2.94 39.00
N LEU C 106 -11.94 2.70 38.32
CA LEU C 106 -10.70 3.41 38.67
C LEU C 106 -10.63 4.88 38.30
N TYR C 107 -11.66 5.38 37.62
CA TYR C 107 -11.73 6.80 37.37
C TYR C 107 -11.92 7.56 38.69
N ASN C 108 -12.33 6.85 39.73
CA ASN C 108 -12.44 7.44 41.07
C ASN C 108 -11.08 7.58 41.79
N ASP C 109 -10.01 7.04 41.23
CA ASP C 109 -8.69 7.02 41.91
C ASP C 109 -7.87 8.29 41.65
N VAL C 110 -7.80 9.13 42.67
CA VAL C 110 -7.12 10.42 42.59
C VAL C 110 -5.62 10.27 42.25
N GLU C 111 -4.99 9.23 42.79
CA GLU C 111 -3.57 8.95 42.54
C GLU C 111 -3.32 8.57 41.08
N LEU C 112 -4.25 7.82 40.49
CA LEU C 112 -4.13 7.49 39.08
C LEU C 112 -4.24 8.70 38.19
N TRP C 113 -5.17 9.60 38.48
CA TRP C 113 -5.27 10.83 37.70
C TRP C 113 -4.03 11.69 37.87
N GLU C 114 -3.50 11.72 39.09
CA GLU C 114 -2.29 12.50 39.35
C GLU C 114 -1.16 11.96 38.46
N LYS C 115 -1.03 10.64 38.42
CA LYS C 115 -0.03 10.02 37.57
C LYS C 115 -0.30 10.28 36.09
N LEU C 116 -1.55 10.19 35.66
CA LEU C 116 -1.85 10.41 34.23
C LEU C 116 -1.50 11.85 33.79
N TYR C 117 -1.87 12.82 34.61
CA TYR C 117 -1.53 14.22 34.29
C TYR C 117 -0.01 14.40 34.27
N THR C 118 0.68 13.70 35.17
CA THR C 118 2.15 13.73 35.20
C THR C 118 2.72 13.16 33.92
N LEU C 119 2.18 12.02 33.46
CA LEU C 119 2.66 11.44 32.20
C LEU C 119 2.37 12.35 31.01
N PHE C 120 1.21 13.02 31.02
CA PHE C 120 0.90 13.99 29.96
C PHE C 120 1.92 15.16 29.97
N GLU C 121 2.31 15.63 31.15
CA GLU C 121 3.32 16.69 31.23
C GLU C 121 4.62 16.26 30.57
N GLN C 122 5.03 15.03 30.84
CA GLN C 122 6.27 14.49 30.32
C GLN C 122 6.23 14.01 28.88
N HIS C 123 5.07 13.58 28.39
CA HIS C 123 5.00 13.04 27.03
C HIS C 123 4.04 13.79 26.10
N HIS C 124 3.72 15.03 26.46
CA HIS C 124 2.79 15.85 25.66
C HIS C 124 3.24 15.96 24.21
N ASP C 125 4.54 16.19 23.99
CA ASP C 125 5.07 16.37 22.63
C ASP C 125 4.98 15.09 21.81
N SER C 126 5.24 13.94 22.44
CA SER C 126 5.09 12.66 21.75
C SER C 126 3.64 12.49 21.34
N ILE C 127 2.71 12.90 22.21
CA ILE C 127 1.28 12.75 21.93
C ILE C 127 0.91 13.62 20.75
N LEU C 128 1.38 14.86 20.77
CA LEU C 128 1.09 15.79 19.67
C LEU C 128 1.72 15.38 18.35
N ASP C 129 2.98 14.94 18.40
CA ASP C 129 3.68 14.46 17.22
C ASP C 129 2.94 13.29 16.58
N LEU C 130 2.44 12.36 17.40
CA LEU C 130 1.71 11.20 16.85
C LEU C 130 0.38 11.65 16.30
N ALA C 131 -0.31 12.54 17.03
CA ALA C 131 -1.61 13.04 16.59
C ALA C 131 -1.48 13.76 15.25
N ASN C 132 -0.38 14.49 15.06
CA ASN C 132 -0.15 15.21 13.79
C ASN C 132 0.23 14.31 12.62
N SER C 133 0.55 13.05 12.89
CA SER C 133 0.97 12.11 11.85
C SER C 133 -0.14 11.15 11.38
N ILE C 134 -1.30 11.18 12.04
CA ILE C 134 -2.38 10.25 11.74
C ILE C 134 -3.64 10.94 11.24
#